data_1VE1
#
_entry.id   1VE1
#
_cell.length_a   104.470
_cell.length_b   104.470
_cell.length_c   79.670
_cell.angle_alpha   90.00
_cell.angle_beta   90.00
_cell.angle_gamma   120.00
#
_symmetry.space_group_name_H-M   'P 31 2 1'
#
loop_
_entity.id
_entity.type
_entity.pdbx_description
1 polymer 'O-acetylserine sulfhydrylase'
2 non-polymer "PYRIDOXAL-5'-PHOSPHATE"
3 water water
#
_entity_poly.entity_id   1
_entity_poly.type   'polypeptide(L)'
_entity_poly.pdbx_seq_one_letter_code
;MRVEGAIGKTPVVRLAKVVEPDMAEVWVKLEGLNPGGSIKDRPAWYMIKDAEERGILRPGSGQVIVEPTSGNTGIGLAMI
AASRGYRLILTMPAQMSEERKRVLKAFGAELVLTDPERRMLAAREEALRLKEELGAFMPDQFKNPANVRAHYETTGPELY
EALEGRIDAFVYGSGTGGTITGVGRYLKERIPHVKVIAVEPARSNVLSGGKMGQHGFQGMGPGFIPENLDLSLLDGVIQV
WEEDAFPLARRLAREEGLFLGMSSGGIVWAALQVARELGPGKRVACISPDGGWKYLSTPLYAEP
;
_entity_poly.pdbx_strand_id   A
#
# COMPACT_ATOMS: atom_id res chain seq x y z
N MET A 1 -6.13 -22.96 -10.27
CA MET A 1 -6.37 -21.49 -10.22
C MET A 1 -5.24 -20.71 -10.85
N ARG A 2 -5.45 -19.41 -11.02
CA ARG A 2 -4.45 -18.55 -11.61
C ARG A 2 -3.82 -17.66 -10.56
N VAL A 3 -2.79 -16.90 -10.95
CA VAL A 3 -2.08 -16.07 -9.99
C VAL A 3 -2.96 -15.15 -9.16
N GLU A 4 -3.98 -14.56 -9.76
CA GLU A 4 -4.87 -13.67 -9.02
C GLU A 4 -5.54 -14.41 -7.87
N GLY A 5 -5.68 -15.72 -8.02
CA GLY A 5 -6.29 -16.52 -6.96
C GLY A 5 -5.38 -16.72 -5.78
N ALA A 6 -4.08 -16.44 -5.96
CA ALA A 6 -3.08 -16.60 -4.92
C ALA A 6 -2.87 -15.32 -4.12
N ILE A 7 -3.70 -14.32 -4.37
CA ILE A 7 -3.61 -13.04 -3.67
C ILE A 7 -4.30 -13.11 -2.31
N GLY A 8 -3.66 -12.56 -1.29
CA GLY A 8 -4.25 -12.54 0.04
C GLY A 8 -3.95 -13.70 0.96
N LYS A 9 -4.72 -13.78 2.04
CA LYS A 9 -4.56 -14.82 3.05
C LYS A 9 -3.13 -14.80 3.57
N THR A 10 -2.63 -13.59 3.80
CA THR A 10 -1.27 -13.39 4.28
C THR A 10 -1.18 -13.59 5.78
N PRO A 11 0.00 -13.98 6.28
CA PRO A 11 0.20 -14.22 7.71
C PRO A 11 0.42 -12.97 8.54
N VAL A 12 0.25 -13.11 9.85
CA VAL A 12 0.46 -12.01 10.78
C VAL A 12 1.43 -12.52 11.85
N VAL A 13 2.49 -11.76 12.09
CA VAL A 13 3.49 -12.14 13.08
C VAL A 13 3.52 -11.18 14.25
N ARG A 14 3.90 -11.68 15.41
CA ARG A 14 3.99 -10.85 16.60
C ARG A 14 5.45 -10.51 16.89
N LEU A 15 5.74 -9.22 16.97
CA LEU A 15 7.10 -8.77 17.25
C LEU A 15 7.52 -9.22 18.65
N ALA A 16 8.78 -9.59 18.80
CA ALA A 16 9.27 -10.08 20.08
C ALA A 16 10.58 -9.46 20.56
N LYS A 17 11.30 -8.77 19.68
CA LYS A 17 12.58 -8.19 20.07
C LYS A 17 12.66 -6.66 20.07
N VAL A 18 12.02 -6.02 19.09
CA VAL A 18 12.06 -4.56 19.03
C VAL A 18 11.04 -3.93 19.97
N VAL A 19 10.20 -4.77 20.56
CA VAL A 19 9.20 -4.29 21.51
C VAL A 19 9.79 -4.35 22.91
N GLU A 20 9.13 -3.67 23.84
CA GLU A 20 9.56 -3.61 25.24
C GLU A 20 8.40 -4.11 26.09
N PRO A 21 8.70 -4.63 27.31
CA PRO A 21 7.68 -5.14 28.23
C PRO A 21 6.54 -4.19 28.59
N ASP A 22 6.78 -2.89 28.49
CA ASP A 22 5.75 -1.91 28.83
C ASP A 22 4.83 -1.58 27.66
N MET A 23 5.04 -2.28 26.53
CA MET A 23 4.23 -2.05 25.34
C MET A 23 3.14 -3.09 25.16
N ALA A 24 2.11 -2.71 24.42
CA ALA A 24 1.03 -3.62 24.09
C ALA A 24 1.64 -4.57 23.05
N GLU A 25 0.94 -5.65 22.75
CA GLU A 25 1.43 -6.59 21.74
C GLU A 25 1.42 -5.86 20.40
N VAL A 26 2.38 -6.17 19.54
CA VAL A 26 2.42 -5.56 18.22
C VAL A 26 2.45 -6.67 17.17
N TRP A 27 1.40 -6.70 16.35
CA TRP A 27 1.27 -7.70 15.30
C TRP A 27 1.40 -7.04 13.93
N VAL A 28 2.12 -7.69 13.03
CA VAL A 28 2.36 -7.17 11.70
C VAL A 28 1.89 -8.15 10.61
N LYS A 29 0.98 -7.70 9.75
CA LYS A 29 0.47 -8.53 8.66
C LYS A 29 1.44 -8.34 7.49
N LEU A 30 1.96 -9.44 6.96
CA LEU A 30 2.96 -9.40 5.89
C LEU A 30 2.41 -9.45 4.47
N GLU A 31 2.09 -8.28 3.93
CA GLU A 31 1.54 -8.20 2.58
C GLU A 31 2.56 -8.37 1.47
N GLY A 32 3.84 -8.46 1.84
CA GLY A 32 4.86 -8.65 0.85
C GLY A 32 4.86 -10.08 0.33
N LEU A 33 4.10 -10.96 0.99
CA LEU A 33 4.05 -12.36 0.59
C LEU A 33 3.04 -12.64 -0.54
N ASN A 34 2.48 -11.58 -1.09
CA ASN A 34 1.54 -11.71 -2.21
C ASN A 34 2.34 -11.97 -3.49
N PRO A 35 1.71 -12.58 -4.50
CA PRO A 35 2.42 -12.88 -5.75
C PRO A 35 3.04 -11.69 -6.49
N GLY A 36 2.48 -10.50 -6.29
CA GLY A 36 3.00 -9.31 -6.93
C GLY A 36 3.98 -8.60 -6.01
N GLY A 37 4.19 -9.16 -4.83
CA GLY A 37 5.13 -8.59 -3.88
C GLY A 37 4.64 -7.52 -2.93
N SER A 38 3.36 -7.17 -2.98
CA SER A 38 2.84 -6.13 -2.08
C SER A 38 1.35 -6.18 -1.88
N ILE A 39 0.90 -5.35 -0.95
CA ILE A 39 -0.51 -5.22 -0.61
C ILE A 39 -1.32 -4.73 -1.82
N LYS A 40 -0.65 -4.05 -2.75
CA LYS A 40 -1.36 -3.52 -3.92
C LYS A 40 -1.96 -4.59 -4.83
N ASP A 41 -1.55 -5.85 -4.65
CA ASP A 41 -2.12 -6.93 -5.44
C ASP A 41 -3.64 -6.91 -5.23
N ARG A 42 -4.05 -6.65 -4.00
CA ARG A 42 -5.47 -6.64 -3.66
C ARG A 42 -6.29 -5.59 -4.42
N PRO A 43 -5.93 -4.30 -4.30
CA PRO A 43 -6.72 -3.33 -5.05
C PRO A 43 -6.54 -3.44 -6.57
N ALA A 44 -5.38 -3.92 -7.01
CA ALA A 44 -5.16 -4.07 -8.45
C ALA A 44 -6.17 -5.08 -8.99
N TRP A 45 -6.29 -6.21 -8.31
CA TRP A 45 -7.23 -7.25 -8.70
C TRP A 45 -8.67 -6.75 -8.56
N TYR A 46 -8.99 -6.13 -7.43
CA TYR A 46 -10.35 -5.64 -7.22
C TYR A 46 -10.78 -4.60 -8.24
N MET A 47 -9.90 -3.68 -8.61
CA MET A 47 -10.30 -2.66 -9.58
C MET A 47 -10.54 -3.28 -10.95
N ILE A 48 -9.75 -4.29 -11.32
CA ILE A 48 -9.94 -4.93 -12.61
C ILE A 48 -11.18 -5.83 -12.57
N LYS A 49 -11.33 -6.61 -11.50
CA LYS A 49 -12.50 -7.49 -11.37
C LYS A 49 -13.77 -6.66 -11.32
N ASP A 50 -13.74 -5.53 -10.62
CA ASP A 50 -14.90 -4.66 -10.52
C ASP A 50 -15.26 -4.13 -11.92
N ALA A 51 -14.26 -3.79 -12.72
CA ALA A 51 -14.48 -3.30 -14.08
C ALA A 51 -15.09 -4.39 -14.95
N GLU A 52 -14.70 -5.64 -14.71
CA GLU A 52 -15.24 -6.76 -15.46
C GLU A 52 -16.70 -6.95 -15.06
N GLU A 53 -16.96 -6.90 -13.76
CA GLU A 53 -18.33 -7.06 -13.26
C GLU A 53 -19.26 -5.98 -13.81
N ARG A 54 -18.75 -4.76 -13.94
CA ARG A 54 -19.56 -3.65 -14.44
C ARG A 54 -19.67 -3.61 -15.96
N GLY A 55 -19.00 -4.53 -16.64
CA GLY A 55 -19.08 -4.59 -18.09
C GLY A 55 -18.09 -3.73 -18.85
N ILE A 56 -17.22 -3.02 -18.13
CA ILE A 56 -16.23 -2.18 -18.79
C ILE A 56 -15.20 -3.05 -19.48
N LEU A 57 -14.82 -4.13 -18.80
CA LEU A 57 -13.82 -5.06 -19.32
C LEU A 57 -14.36 -6.48 -19.41
N ARG A 58 -13.67 -7.29 -20.21
CA ARG A 58 -13.97 -8.71 -20.38
C ARG A 58 -12.56 -9.29 -20.50
N PRO A 59 -12.22 -10.30 -19.69
CA PRO A 59 -10.86 -10.86 -19.79
C PRO A 59 -10.53 -11.56 -21.10
N GLY A 60 -9.26 -11.53 -21.47
CA GLY A 60 -8.81 -12.16 -22.70
C GLY A 60 -9.14 -11.35 -23.94
N SER A 61 -9.61 -10.12 -23.72
CA SER A 61 -10.01 -9.22 -24.80
C SER A 61 -8.88 -8.41 -25.43
N GLY A 62 -7.81 -8.20 -24.68
CA GLY A 62 -6.71 -7.40 -25.20
C GLY A 62 -7.01 -5.93 -24.97
N GLN A 63 -8.10 -5.65 -24.26
CA GLN A 63 -8.49 -4.28 -23.96
C GLN A 63 -7.36 -3.56 -23.25
N VAL A 64 -7.30 -2.25 -23.43
CA VAL A 64 -6.26 -1.43 -22.83
C VAL A 64 -6.61 -0.86 -21.47
N ILE A 65 -5.64 -0.93 -20.57
CA ILE A 65 -5.76 -0.39 -19.23
C ILE A 65 -4.60 0.58 -19.11
N VAL A 66 -4.84 1.76 -18.56
CA VAL A 66 -3.78 2.75 -18.40
C VAL A 66 -3.84 3.36 -17.01
N GLU A 67 -2.67 3.55 -16.40
CA GLU A 67 -2.60 4.11 -15.06
C GLU A 67 -1.28 4.85 -14.87
N PRO A 68 -1.31 6.02 -14.24
CA PRO A 68 -0.07 6.78 -14.01
C PRO A 68 0.59 6.32 -12.72
N THR A 69 1.38 5.26 -12.81
CA THR A 69 2.07 4.70 -11.64
C THR A 69 3.23 3.83 -12.07
N SER A 70 4.26 3.79 -11.21
CA SER A 70 5.43 2.96 -11.46
C SER A 70 5.72 2.19 -10.18
N GLY A 71 4.82 2.33 -9.21
CA GLY A 71 5.00 1.65 -7.94
C GLY A 71 4.32 0.30 -7.82
N ASN A 72 4.04 -0.11 -6.59
CA ASN A 72 3.41 -1.39 -6.35
C ASN A 72 2.09 -1.57 -7.09
N THR A 73 1.32 -0.50 -7.26
CA THR A 73 0.07 -0.64 -7.99
C THR A 73 0.39 -1.00 -9.44
N GLY A 74 1.44 -0.41 -9.97
CA GLY A 74 1.84 -0.72 -11.34
C GLY A 74 2.22 -2.19 -11.47
N ILE A 75 2.94 -2.70 -10.48
CA ILE A 75 3.36 -4.10 -10.48
C ILE A 75 2.13 -5.01 -10.39
N GLY A 76 1.23 -4.69 -9.46
CA GLY A 76 0.02 -5.48 -9.30
C GLY A 76 -0.82 -5.48 -10.56
N LEU A 77 -1.03 -4.30 -11.15
CA LEU A 77 -1.82 -4.20 -12.36
C LEU A 77 -1.16 -4.96 -13.51
N ALA A 78 0.17 -4.90 -13.59
CA ALA A 78 0.88 -5.59 -14.66
C ALA A 78 0.72 -7.10 -14.53
N MET A 79 0.79 -7.60 -13.30
CA MET A 79 0.63 -9.01 -13.04
C MET A 79 -0.77 -9.47 -13.47
N ILE A 80 -1.79 -8.75 -13.04
CA ILE A 80 -3.15 -9.11 -13.38
C ILE A 80 -3.41 -8.96 -14.88
N ALA A 81 -2.91 -7.89 -15.49
CA ALA A 81 -3.10 -7.69 -16.93
C ALA A 81 -2.45 -8.84 -17.71
N ALA A 82 -1.30 -9.30 -17.24
CA ALA A 82 -0.62 -10.40 -17.90
C ALA A 82 -1.45 -11.68 -17.79
N SER A 83 -1.93 -11.97 -16.60
CA SER A 83 -2.73 -13.17 -16.38
C SER A 83 -4.08 -13.17 -17.09
N ARG A 84 -4.75 -12.03 -17.11
CA ARG A 84 -6.07 -11.97 -17.71
C ARG A 84 -6.17 -11.44 -19.14
N GLY A 85 -5.02 -11.22 -19.77
CA GLY A 85 -5.01 -10.79 -21.16
C GLY A 85 -5.38 -9.37 -21.53
N TYR A 86 -4.93 -8.41 -20.73
CA TYR A 86 -5.18 -7.00 -21.01
C TYR A 86 -3.87 -6.34 -21.39
N ARG A 87 -3.96 -5.30 -22.21
CA ARG A 87 -2.80 -4.54 -22.61
C ARG A 87 -2.68 -3.42 -21.58
N LEU A 88 -1.59 -3.40 -20.83
CA LEU A 88 -1.40 -2.37 -19.81
C LEU A 88 -0.35 -1.34 -20.19
N ILE A 89 -0.71 -0.07 -20.05
CA ILE A 89 0.21 1.02 -20.33
C ILE A 89 0.36 1.79 -19.02
N LEU A 90 1.60 1.95 -18.58
CA LEU A 90 1.88 2.68 -17.35
C LEU A 90 2.67 3.93 -17.70
N THR A 91 2.23 5.08 -17.20
CA THR A 91 2.93 6.32 -17.46
C THR A 91 3.72 6.69 -16.20
N MET A 92 4.91 7.25 -16.38
CA MET A 92 5.75 7.58 -15.25
C MET A 92 6.88 8.52 -15.68
N PRO A 93 7.42 9.31 -14.74
CA PRO A 93 8.50 10.24 -15.05
C PRO A 93 9.71 9.47 -15.62
N ALA A 94 10.38 10.09 -16.58
CA ALA A 94 11.54 9.47 -17.24
C ALA A 94 12.72 9.16 -16.33
N GLN A 95 12.75 9.75 -15.14
CA GLN A 95 13.85 9.50 -14.21
C GLN A 95 13.65 8.22 -13.40
N MET A 96 12.76 7.35 -13.88
CA MET A 96 12.47 6.10 -13.20
C MET A 96 13.67 5.15 -13.21
N SER A 97 13.90 4.49 -12.08
CA SER A 97 15.03 3.57 -11.96
C SER A 97 14.90 2.39 -12.92
N GLU A 98 16.04 1.95 -13.44
CA GLU A 98 16.09 0.83 -14.37
C GLU A 98 15.51 -0.43 -13.73
N GLU A 99 15.84 -0.63 -12.46
CA GLU A 99 15.36 -1.79 -11.71
C GLU A 99 13.85 -1.91 -11.78
N ARG A 100 13.16 -0.83 -11.42
CA ARG A 100 11.70 -0.82 -11.44
C ARG A 100 11.16 -1.03 -12.84
N LYS A 101 11.77 -0.37 -13.82
CA LYS A 101 11.30 -0.54 -15.20
C LYS A 101 11.42 -1.99 -15.62
N ARG A 102 12.47 -2.67 -15.16
CA ARG A 102 12.67 -4.07 -15.50
C ARG A 102 11.57 -4.98 -14.93
N VAL A 103 11.12 -4.68 -13.72
CA VAL A 103 10.06 -5.47 -13.11
C VAL A 103 8.76 -5.30 -13.89
N LEU A 104 8.41 -4.04 -14.16
CA LEU A 104 7.19 -3.74 -14.90
C LEU A 104 7.21 -4.35 -16.30
N LYS A 105 8.34 -4.23 -16.99
CA LYS A 105 8.45 -4.79 -18.33
C LYS A 105 8.46 -6.32 -18.30
N ALA A 106 8.93 -6.90 -17.20
CA ALA A 106 8.95 -8.35 -17.09
C ALA A 106 7.52 -8.88 -17.19
N PHE A 107 6.57 -8.12 -16.63
CA PHE A 107 5.16 -8.51 -16.67
C PHE A 107 4.48 -8.12 -17.99
N GLY A 108 5.23 -7.46 -18.87
CA GLY A 108 4.67 -7.09 -20.16
C GLY A 108 4.00 -5.73 -20.23
N ALA A 109 4.15 -4.92 -19.19
CA ALA A 109 3.55 -3.59 -19.21
C ALA A 109 4.33 -2.72 -20.18
N GLU A 110 3.60 -1.83 -20.86
CA GLU A 110 4.23 -0.89 -21.78
C GLU A 110 4.47 0.36 -20.95
N LEU A 111 5.67 0.91 -21.02
CA LEU A 111 5.99 2.09 -20.24
C LEU A 111 6.10 3.34 -21.09
N VAL A 112 5.47 4.41 -20.63
CA VAL A 112 5.54 5.69 -21.33
C VAL A 112 6.22 6.63 -20.34
N LEU A 113 7.42 7.07 -20.69
CA LEU A 113 8.21 7.95 -19.85
C LEU A 113 7.89 9.40 -20.14
N THR A 114 7.43 10.12 -19.13
CA THR A 114 7.05 11.50 -19.30
C THR A 114 8.04 12.53 -18.74
N ASP A 115 7.82 13.79 -19.10
CA ASP A 115 8.67 14.90 -18.70
C ASP A 115 9.18 14.83 -17.26
N PRO A 116 10.49 14.63 -17.08
CA PRO A 116 11.10 14.53 -15.75
C PRO A 116 10.86 15.78 -14.91
N GLU A 117 10.76 16.93 -15.57
CA GLU A 117 10.56 18.20 -14.90
C GLU A 117 9.13 18.41 -14.38
N ARG A 118 8.14 17.86 -15.07
CA ARG A 118 6.75 18.02 -14.65
C ARG A 118 6.33 16.93 -13.65
N ARG A 119 7.24 16.01 -13.39
CA ARG A 119 7.01 14.91 -12.45
C ARG A 119 5.65 14.22 -12.62
N MET A 120 5.04 13.86 -11.49
CA MET A 120 3.74 13.16 -11.51
C MET A 120 2.66 13.82 -12.34
N LEU A 121 2.69 15.14 -12.44
CA LEU A 121 1.69 15.86 -13.22
C LEU A 121 1.71 15.39 -14.68
N ALA A 122 2.90 15.31 -15.26
CA ALA A 122 3.04 14.90 -16.65
C ALA A 122 2.61 13.45 -16.84
N ALA A 123 2.83 12.62 -15.82
CA ALA A 123 2.44 11.23 -15.90
C ALA A 123 0.91 11.13 -15.92
N ARG A 124 0.27 11.90 -15.04
CA ARG A 124 -1.19 11.91 -14.98
C ARG A 124 -1.77 12.39 -16.30
N GLU A 125 -1.18 13.45 -16.84
CA GLU A 125 -1.63 14.02 -18.10
C GLU A 125 -1.58 13.02 -19.25
N GLU A 126 -0.48 12.27 -19.36
CA GLU A 126 -0.35 11.29 -20.42
C GLU A 126 -1.36 10.15 -20.25
N ALA A 127 -1.61 9.73 -19.01
CA ALA A 127 -2.58 8.67 -18.77
C ALA A 127 -3.97 9.13 -19.22
N LEU A 128 -4.32 10.37 -18.90
CA LEU A 128 -5.61 10.91 -19.30
C LEU A 128 -5.70 11.01 -20.82
N ARG A 129 -4.61 11.42 -21.45
CA ARG A 129 -4.58 11.55 -22.91
C ARG A 129 -4.80 10.19 -23.56
N LEU A 130 -4.14 9.17 -23.03
CA LEU A 130 -4.28 7.82 -23.57
C LEU A 130 -5.68 7.28 -23.32
N LYS A 131 -6.23 7.57 -22.14
CA LYS A 131 -7.58 7.10 -21.83
C LYS A 131 -8.55 7.65 -22.87
N GLU A 132 -8.41 8.93 -23.20
CA GLU A 132 -9.28 9.58 -24.17
C GLU A 132 -9.05 9.07 -25.60
N GLU A 133 -7.79 9.02 -26.01
CA GLU A 133 -7.44 8.58 -27.36
C GLU A 133 -7.82 7.12 -27.64
N LEU A 134 -7.57 6.24 -26.69
CA LEU A 134 -7.85 4.82 -26.86
C LEU A 134 -9.15 4.32 -26.24
N GLY A 135 -9.82 5.17 -25.48
CA GLY A 135 -11.05 4.73 -24.83
C GLY A 135 -10.67 3.62 -23.85
N ALA A 136 -9.49 3.77 -23.26
CA ALA A 136 -8.97 2.78 -22.32
C ALA A 136 -9.59 2.90 -20.94
N PHE A 137 -9.36 1.88 -20.12
CA PHE A 137 -9.86 1.85 -18.77
C PHE A 137 -8.76 2.33 -17.83
N MET A 138 -9.05 3.34 -17.02
CA MET A 138 -8.07 3.82 -16.06
C MET A 138 -8.57 3.49 -14.67
N PRO A 139 -7.88 2.57 -13.98
CA PRO A 139 -8.25 2.15 -12.63
C PRO A 139 -8.51 3.34 -11.69
N ASP A 140 -7.66 4.35 -11.74
CA ASP A 140 -7.79 5.56 -10.91
C ASP A 140 -7.71 5.17 -9.44
N GLN A 141 -6.57 4.59 -9.05
CA GLN A 141 -6.35 4.09 -7.70
C GLN A 141 -6.67 5.00 -6.52
N PHE A 142 -6.53 6.31 -6.68
CA PHE A 142 -6.80 7.20 -5.57
C PHE A 142 -8.27 7.53 -5.34
N LYS A 143 -9.11 7.23 -6.32
CA LYS A 143 -10.55 7.52 -6.23
C LYS A 143 -11.49 6.34 -6.41
N ASN A 144 -10.98 5.23 -6.93
CA ASN A 144 -11.80 4.04 -7.19
C ASN A 144 -12.25 3.33 -5.92
N PRO A 145 -13.56 3.32 -5.63
CA PRO A 145 -14.07 2.65 -4.42
C PRO A 145 -13.77 1.15 -4.33
N ALA A 146 -13.46 0.52 -5.47
CA ALA A 146 -13.15 -0.90 -5.45
C ALA A 146 -11.83 -1.15 -4.73
N ASN A 147 -10.99 -0.11 -4.65
CA ASN A 147 -9.71 -0.18 -3.95
C ASN A 147 -10.06 -0.39 -2.47
N VAL A 148 -10.89 0.49 -1.93
CA VAL A 148 -11.33 0.39 -0.53
C VAL A 148 -12.03 -0.95 -0.28
N ARG A 149 -12.90 -1.35 -1.21
CA ARG A 149 -13.66 -2.60 -1.09
C ARG A 149 -12.76 -3.82 -0.95
N ALA A 150 -11.62 -3.80 -1.64
CA ALA A 150 -10.69 -4.93 -1.57
C ALA A 150 -10.32 -5.20 -0.11
N HIS A 151 -10.05 -4.12 0.61
CA HIS A 151 -9.63 -4.23 2.00
C HIS A 151 -10.78 -4.46 2.97
N TYR A 152 -11.95 -3.96 2.62
CA TYR A 152 -13.11 -4.15 3.46
C TYR A 152 -13.55 -5.61 3.39
N GLU A 153 -13.35 -6.24 2.23
CA GLU A 153 -13.76 -7.62 2.02
C GLU A 153 -12.71 -8.71 2.23
N THR A 154 -11.43 -8.36 2.19
CA THR A 154 -10.41 -9.36 2.39
C THR A 154 -9.39 -9.04 3.48
N THR A 155 -8.64 -7.96 3.33
CA THR A 155 -7.63 -7.59 4.31
C THR A 155 -8.20 -7.46 5.73
N GLY A 156 -9.29 -6.71 5.85
CA GLY A 156 -9.91 -6.52 7.15
C GLY A 156 -10.37 -7.81 7.80
N PRO A 157 -11.20 -8.59 7.11
CA PRO A 157 -11.67 -9.87 7.67
C PRO A 157 -10.50 -10.76 8.09
N GLU A 158 -9.47 -10.84 7.25
CA GLU A 158 -8.31 -11.66 7.57
C GLU A 158 -7.62 -11.22 8.85
N LEU A 159 -7.40 -9.91 9.00
CA LEU A 159 -6.75 -9.37 10.17
C LEU A 159 -7.57 -9.63 11.43
N TYR A 160 -8.87 -9.32 11.33
CA TYR A 160 -9.79 -9.52 12.44
C TYR A 160 -9.81 -10.98 12.90
N GLU A 161 -9.95 -11.90 11.94
CA GLU A 161 -9.99 -13.32 12.25
C GLU A 161 -8.70 -13.84 12.88
N ALA A 162 -7.57 -13.49 12.28
CA ALA A 162 -6.28 -13.93 12.78
C ALA A 162 -6.01 -13.49 14.21
N LEU A 163 -6.47 -12.29 14.56
CA LEU A 163 -6.26 -11.78 15.91
C LEU A 163 -7.47 -12.01 16.81
N GLU A 164 -8.33 -12.94 16.40
CA GLU A 164 -9.52 -13.32 17.14
C GLU A 164 -10.38 -12.15 17.63
N GLY A 165 -10.50 -11.11 16.80
CA GLY A 165 -11.30 -9.96 17.15
C GLY A 165 -10.76 -9.11 18.29
N ARG A 166 -9.54 -9.40 18.72
CA ARG A 166 -8.92 -8.65 19.81
C ARG A 166 -7.91 -7.66 19.27
N ILE A 167 -8.38 -6.46 18.94
CA ILE A 167 -7.53 -5.39 18.42
C ILE A 167 -7.92 -4.08 19.07
N ASP A 168 -6.96 -3.40 19.68
CA ASP A 168 -7.23 -2.13 20.35
C ASP A 168 -6.86 -0.93 19.48
N ALA A 169 -5.96 -1.15 18.53
CA ALA A 169 -5.55 -0.08 17.63
C ALA A 169 -5.02 -0.66 16.33
N PHE A 170 -5.38 -0.01 15.23
CA PHE A 170 -4.94 -0.41 13.89
C PHE A 170 -4.13 0.77 13.38
N VAL A 171 -2.89 0.51 12.99
CA VAL A 171 -1.98 1.55 12.51
C VAL A 171 -1.52 1.28 11.09
N TYR A 172 -1.62 2.28 10.22
CA TYR A 172 -1.21 2.10 8.83
C TYR A 172 -0.72 3.37 8.15
N GLY A 173 0.30 3.21 7.30
CA GLY A 173 0.86 4.33 6.55
C GLY A 173 0.12 4.48 5.25
N SER A 174 -0.76 5.48 5.19
CA SER A 174 -1.61 5.71 4.04
C SER A 174 -0.99 6.20 2.74
N GLY A 175 -1.42 5.60 1.64
CA GLY A 175 -0.98 5.97 0.31
C GLY A 175 -2.23 6.42 -0.42
N THR A 176 -2.97 5.46 -0.99
CA THR A 176 -4.22 5.77 -1.69
C THR A 176 -5.37 5.94 -0.69
N GLY A 177 -5.18 5.42 0.52
CA GLY A 177 -6.22 5.51 1.53
C GLY A 177 -7.11 4.27 1.57
N GLY A 178 -6.97 3.40 0.57
CA GLY A 178 -7.80 2.22 0.51
C GLY A 178 -7.71 1.27 1.69
N THR A 179 -6.48 0.96 2.11
CA THR A 179 -6.28 0.05 3.22
C THR A 179 -6.82 0.54 4.55
N ILE A 180 -6.44 1.76 4.94
CA ILE A 180 -6.90 2.26 6.22
C ILE A 180 -8.42 2.46 6.25
N THR A 181 -9.00 2.84 5.11
CA THR A 181 -10.45 3.02 5.06
C THR A 181 -11.19 1.68 5.09
N GLY A 182 -10.77 0.76 4.23
CA GLY A 182 -11.40 -0.55 4.18
C GLY A 182 -11.26 -1.35 5.47
N VAL A 183 -10.02 -1.47 5.94
CA VAL A 183 -9.77 -2.22 7.18
C VAL A 183 -10.36 -1.45 8.36
N GLY A 184 -10.15 -0.14 8.37
CA GLY A 184 -10.68 0.68 9.45
C GLY A 184 -12.18 0.53 9.64
N ARG A 185 -12.92 0.61 8.54
CA ARG A 185 -14.37 0.48 8.63
C ARG A 185 -14.76 -0.92 9.11
N TYR A 186 -14.10 -1.94 8.56
CA TYR A 186 -14.41 -3.31 8.95
C TYR A 186 -14.22 -3.50 10.46
N LEU A 187 -13.11 -2.99 10.99
CA LEU A 187 -12.83 -3.12 12.41
C LEU A 187 -13.76 -2.30 13.29
N LYS A 188 -14.01 -1.05 12.92
CA LYS A 188 -14.89 -0.19 13.72
C LYS A 188 -16.32 -0.70 13.81
N GLU A 189 -16.77 -1.44 12.80
CA GLU A 189 -18.12 -1.97 12.80
C GLU A 189 -18.24 -3.11 13.81
N ARG A 190 -17.11 -3.69 14.20
CA ARG A 190 -17.10 -4.81 15.12
C ARG A 190 -16.44 -4.56 16.47
N ILE A 191 -15.51 -3.62 16.52
CA ILE A 191 -14.81 -3.29 17.76
C ILE A 191 -15.09 -1.84 18.12
N PRO A 192 -16.11 -1.60 18.97
CA PRO A 192 -16.54 -0.27 19.43
C PRO A 192 -15.44 0.66 19.94
N HIS A 193 -14.37 0.10 20.49
CA HIS A 193 -13.30 0.90 21.06
C HIS A 193 -12.02 1.01 20.23
N VAL A 194 -11.93 0.28 19.13
CA VAL A 194 -10.72 0.29 18.32
C VAL A 194 -10.34 1.67 17.77
N LYS A 195 -9.05 1.99 17.82
CA LYS A 195 -8.55 3.26 17.31
C LYS A 195 -7.87 3.02 15.98
N VAL A 196 -8.14 3.90 15.02
CA VAL A 196 -7.53 3.80 13.70
C VAL A 196 -6.56 4.97 13.58
N ILE A 197 -5.28 4.67 13.50
CA ILE A 197 -4.25 5.69 13.44
C ILE A 197 -3.52 5.69 12.10
N ALA A 198 -3.53 6.84 11.43
CA ALA A 198 -2.85 6.98 10.15
C ALA A 198 -1.41 7.38 10.39
N VAL A 199 -0.53 6.95 9.51
CA VAL A 199 0.88 7.29 9.59
C VAL A 199 1.27 7.99 8.30
N GLU A 200 2.07 9.04 8.41
CA GLU A 200 2.52 9.77 7.24
C GLU A 200 3.93 10.30 7.48
N PRO A 201 4.66 10.62 6.40
CA PRO A 201 6.02 11.15 6.57
C PRO A 201 5.99 12.55 7.16
N ALA A 202 6.87 12.83 8.10
CA ALA A 202 6.93 14.16 8.68
C ALA A 202 7.30 15.14 7.56
N ARG A 203 8.03 14.65 6.57
CA ARG A 203 8.46 15.47 5.45
C ARG A 203 7.36 15.78 4.42
N SER A 204 6.20 15.11 4.56
CA SER A 204 5.06 15.35 3.66
C SER A 204 3.82 15.09 4.53
N ASN A 205 3.72 15.89 5.58
CA ASN A 205 2.66 15.75 6.57
C ASN A 205 1.37 16.51 6.34
N VAL A 206 0.71 16.23 5.23
CA VAL A 206 -0.54 16.93 4.91
C VAL A 206 -1.73 16.55 5.79
N LEU A 207 -1.79 15.31 6.26
CA LEU A 207 -2.90 14.91 7.13
C LEU A 207 -2.79 15.61 8.49
N SER A 208 -1.58 16.03 8.83
CA SER A 208 -1.31 16.71 10.09
C SER A 208 -1.45 18.22 9.96
N GLY A 209 -1.83 18.69 8.77
CA GLY A 209 -1.97 20.11 8.57
C GLY A 209 -0.68 20.77 8.11
N GLY A 210 0.30 19.95 7.74
CA GLY A 210 1.57 20.45 7.29
C GLY A 210 1.60 20.62 5.78
N LYS A 211 2.77 20.42 5.18
CA LYS A 211 2.93 20.58 3.74
C LYS A 211 3.59 19.39 3.07
N MET A 212 3.28 19.20 1.79
CA MET A 212 3.84 18.10 1.03
C MET A 212 5.33 18.32 0.85
N GLY A 213 6.06 17.24 0.62
CA GLY A 213 7.49 17.33 0.43
C GLY A 213 8.06 15.99 0.03
N GLN A 214 9.29 16.00 -0.48
CA GLN A 214 9.96 14.78 -0.89
C GLN A 214 10.32 13.95 0.34
N HIS A 215 10.17 12.64 0.24
CA HIS A 215 10.50 11.76 1.35
C HIS A 215 10.88 10.38 0.82
N GLY A 216 11.41 9.53 1.69
CA GLY A 216 11.85 8.22 1.24
C GLY A 216 10.97 7.01 1.52
N PHE A 217 9.76 7.22 2.03
CA PHE A 217 8.86 6.10 2.31
C PHE A 217 8.07 5.72 1.07
N GLN A 218 8.74 5.06 0.12
CA GLN A 218 8.09 4.67 -1.12
C GLN A 218 6.77 3.94 -0.92
N GLY A 219 5.73 4.40 -1.62
CA GLY A 219 4.44 3.77 -1.52
C GLY A 219 3.43 4.46 -0.62
N MET A 220 3.90 5.28 0.31
CA MET A 220 2.98 5.98 1.20
C MET A 220 3.27 7.48 1.20
N GLY A 221 2.35 8.27 1.77
CA GLY A 221 2.52 9.72 1.82
C GLY A 221 2.54 10.35 0.45
N PRO A 222 1.39 10.39 -0.24
CA PRO A 222 1.31 10.98 -1.58
C PRO A 222 1.38 12.51 -1.66
N GLY A 223 1.37 13.18 -0.52
CA GLY A 223 1.45 14.64 -0.55
C GLY A 223 0.09 15.30 -0.73
N PHE A 224 -0.97 14.50 -0.73
CA PHE A 224 -2.33 15.03 -0.86
C PHE A 224 -3.31 14.09 -0.17
N ILE A 225 -4.53 14.56 0.01
CA ILE A 225 -5.57 13.76 0.66
C ILE A 225 -6.39 13.09 -0.45
N PRO A 226 -6.24 11.78 -0.62
CA PRO A 226 -6.98 11.06 -1.66
C PRO A 226 -8.46 10.87 -1.34
N GLU A 227 -9.27 10.75 -2.40
CA GLU A 227 -10.70 10.56 -2.24
C GLU A 227 -11.00 9.25 -1.51
N ASN A 228 -10.12 8.26 -1.64
CA ASN A 228 -10.32 6.97 -0.99
C ASN A 228 -9.98 6.94 0.50
N LEU A 229 -9.57 8.08 1.05
CA LEU A 229 -9.25 8.14 2.47
C LEU A 229 -10.41 8.78 3.22
N ASP A 230 -11.03 8.01 4.12
CA ASP A 230 -12.15 8.53 4.90
C ASP A 230 -11.59 9.11 6.21
N LEU A 231 -11.43 10.43 6.23
CA LEU A 231 -10.87 11.10 7.39
C LEU A 231 -11.67 10.93 8.68
N SER A 232 -12.98 10.73 8.54
CA SER A 232 -13.85 10.57 9.71
C SER A 232 -13.54 9.32 10.52
N LEU A 233 -12.80 8.39 9.93
CA LEU A 233 -12.43 7.15 10.60
C LEU A 233 -11.21 7.29 11.50
N LEU A 234 -10.37 8.29 11.19
CA LEU A 234 -9.13 8.49 11.92
C LEU A 234 -9.24 9.04 13.34
N ASP A 235 -8.53 8.39 14.25
CA ASP A 235 -8.49 8.81 15.64
C ASP A 235 -7.19 9.54 15.93
N GLY A 236 -6.32 9.60 14.92
CA GLY A 236 -5.04 10.28 15.07
C GLY A 236 -4.13 10.09 13.89
N VAL A 237 -3.06 10.88 13.85
CA VAL A 237 -2.08 10.81 12.78
C VAL A 237 -0.69 10.91 13.40
N ILE A 238 0.17 9.96 13.07
CA ILE A 238 1.53 9.95 13.58
C ILE A 238 2.49 10.27 12.43
N GLN A 239 3.37 11.24 12.66
CA GLN A 239 4.34 11.64 11.67
C GLN A 239 5.63 10.87 11.95
N VAL A 240 6.25 10.35 10.90
CA VAL A 240 7.48 9.59 11.08
C VAL A 240 8.64 10.10 10.24
N TRP A 241 9.85 9.96 10.77
CA TRP A 241 11.07 10.39 10.09
C TRP A 241 11.88 9.20 9.61
N GLU A 242 12.48 9.32 8.43
CA GLU A 242 13.30 8.25 7.90
C GLU A 242 14.45 7.97 8.86
N GLU A 243 14.95 9.02 9.51
CA GLU A 243 16.05 8.89 10.46
C GLU A 243 15.74 7.89 11.57
N ASP A 244 14.46 7.73 11.87
CA ASP A 244 14.02 6.81 12.92
C ASP A 244 13.54 5.49 12.34
N ALA A 245 12.79 5.58 11.25
CA ALA A 245 12.21 4.40 10.60
C ALA A 245 13.18 3.43 9.95
N PHE A 246 14.20 3.95 9.26
CA PHE A 246 15.16 3.10 8.59
C PHE A 246 15.98 2.27 9.57
N PRO A 247 16.49 2.88 10.65
CA PRO A 247 17.27 2.05 11.57
C PRO A 247 16.36 0.97 12.17
N LEU A 248 15.09 1.30 12.39
CA LEU A 248 14.16 0.33 12.94
C LEU A 248 13.90 -0.81 11.97
N ALA A 249 13.79 -0.49 10.68
CA ALA A 249 13.56 -1.52 9.68
C ALA A 249 14.75 -2.48 9.67
N ARG A 250 15.94 -1.94 9.87
CA ARG A 250 17.12 -2.80 9.90
C ARG A 250 17.09 -3.69 11.14
N ARG A 251 16.56 -3.17 12.24
CA ARG A 251 16.46 -3.97 13.46
C ARG A 251 15.43 -5.09 13.25
N LEU A 252 14.35 -4.78 12.55
CA LEU A 252 13.32 -5.78 12.29
C LEU A 252 13.91 -6.94 11.52
N ALA A 253 14.75 -6.64 10.55
CA ALA A 253 15.37 -7.68 9.74
C ALA A 253 16.36 -8.52 10.52
N ARG A 254 17.22 -7.85 11.29
CA ARG A 254 18.26 -8.53 12.07
C ARG A 254 17.81 -9.15 13.39
N GLU A 255 16.73 -8.65 13.96
CA GLU A 255 16.25 -9.16 15.24
C GLU A 255 14.95 -9.95 15.19
N GLU A 256 14.15 -9.74 14.15
CA GLU A 256 12.88 -10.46 14.02
C GLU A 256 12.86 -11.35 12.78
N GLY A 257 13.85 -11.19 11.90
CA GLY A 257 13.88 -11.96 10.68
C GLY A 257 12.83 -11.44 9.71
N LEU A 258 12.44 -10.19 9.90
CA LEU A 258 11.45 -9.55 9.04
C LEU A 258 12.12 -8.51 8.16
N PHE A 259 12.36 -8.89 6.91
CA PHE A 259 13.02 -8.05 5.89
C PHE A 259 11.91 -7.30 5.15
N LEU A 260 11.59 -6.12 5.65
CA LEU A 260 10.50 -5.32 5.10
C LEU A 260 10.89 -4.07 4.32
N GLY A 261 9.90 -3.47 3.68
CA GLY A 261 10.11 -2.28 2.89
C GLY A 261 10.22 -1.00 3.69
N MET A 262 10.51 0.08 2.98
CA MET A 262 10.68 1.40 3.56
C MET A 262 9.45 1.86 4.35
N SER A 263 8.26 1.72 3.75
CA SER A 263 7.05 2.15 4.45
C SER A 263 6.79 1.32 5.70
N SER A 264 7.22 0.07 5.69
CA SER A 264 7.01 -0.81 6.85
C SER A 264 7.80 -0.30 8.06
N GLY A 265 8.99 0.24 7.82
CA GLY A 265 9.78 0.77 8.91
C GLY A 265 9.04 1.92 9.58
N GLY A 266 8.43 2.77 8.77
CA GLY A 266 7.70 3.90 9.30
C GLY A 266 6.43 3.49 10.03
N ILE A 267 5.71 2.54 9.44
CA ILE A 267 4.47 2.04 10.02
C ILE A 267 4.72 1.34 11.36
N VAL A 268 5.73 0.47 11.40
CA VAL A 268 6.03 -0.23 12.64
C VAL A 268 6.54 0.73 13.71
N TRP A 269 7.32 1.73 13.31
CA TRP A 269 7.82 2.71 14.29
C TRP A 269 6.62 3.36 14.97
N ALA A 270 5.65 3.77 14.17
CA ALA A 270 4.44 4.40 14.71
C ALA A 270 3.68 3.41 15.60
N ALA A 271 3.60 2.16 15.15
CA ALA A 271 2.89 1.13 15.92
C ALA A 271 3.50 0.96 17.31
N LEU A 272 4.82 1.05 17.38
CA LEU A 272 5.50 0.91 18.67
C LEU A 272 5.14 2.07 19.59
N GLN A 273 5.03 3.26 19.01
CA GLN A 273 4.67 4.44 19.80
C GLN A 273 3.27 4.24 20.39
N VAL A 274 2.35 3.74 19.56
CA VAL A 274 0.98 3.49 20.01
C VAL A 274 0.97 2.38 21.06
N ALA A 275 1.82 1.37 20.87
CA ALA A 275 1.91 0.25 21.79
C ALA A 275 2.36 0.70 23.18
N ARG A 276 3.30 1.63 23.23
CA ARG A 276 3.78 2.13 24.52
C ARG A 276 2.67 2.89 25.22
N GLU A 277 1.87 3.63 24.45
CA GLU A 277 0.77 4.40 25.00
C GLU A 277 -0.34 3.52 25.58
N LEU A 278 -0.68 2.44 24.88
CA LEU A 278 -1.73 1.55 25.34
C LEU A 278 -1.30 0.65 26.49
N GLY A 279 -0.03 0.23 26.49
CA GLY A 279 0.47 -0.61 27.56
C GLY A 279 0.22 -2.10 27.43
N PRO A 280 0.78 -2.90 28.34
CA PRO A 280 0.65 -4.36 28.38
C PRO A 280 -0.79 -4.86 28.32
N GLY A 281 -0.98 -6.02 27.71
CA GLY A 281 -2.32 -6.58 27.61
C GLY A 281 -3.07 -6.14 26.37
N LYS A 282 -2.84 -4.91 25.95
CA LYS A 282 -3.52 -4.38 24.76
C LYS A 282 -2.88 -4.96 23.51
N ARG A 283 -3.55 -4.77 22.37
CA ARG A 283 -3.05 -5.30 21.12
C ARG A 283 -3.09 -4.29 19.98
N VAL A 284 -1.94 -4.05 19.38
CA VAL A 284 -1.83 -3.12 18.27
C VAL A 284 -1.56 -3.93 17.00
N ALA A 285 -2.34 -3.65 15.96
CA ALA A 285 -2.17 -4.35 14.70
C ALA A 285 -1.78 -3.35 13.63
N CYS A 286 -0.84 -3.74 12.77
CA CYS A 286 -0.42 -2.90 11.68
C CYS A 286 -0.12 -3.79 10.48
N ILE A 287 0.12 -3.19 9.33
CA ILE A 287 0.38 -3.96 8.12
C ILE A 287 1.66 -3.51 7.43
N SER A 288 2.44 -4.50 6.99
CA SER A 288 3.67 -4.27 6.24
C SER A 288 3.26 -4.33 4.78
N PRO A 289 3.30 -3.19 4.08
CA PRO A 289 2.91 -3.17 2.66
C PRO A 289 3.72 -4.06 1.73
N ASP A 290 5.02 -4.15 1.97
CA ASP A 290 5.86 -5.01 1.14
C ASP A 290 7.17 -5.36 1.82
N GLY A 291 7.90 -6.28 1.22
CA GLY A 291 9.17 -6.72 1.79
C GLY A 291 10.32 -5.84 1.35
N GLY A 292 11.53 -6.18 1.78
CA GLY A 292 12.68 -5.36 1.41
C GLY A 292 13.29 -5.66 0.06
N TRP A 293 12.78 -6.68 -0.63
CA TRP A 293 13.33 -7.12 -1.92
C TRP A 293 13.56 -6.07 -3.00
N LYS A 294 12.65 -5.11 -3.12
CA LYS A 294 12.80 -4.08 -4.16
C LYS A 294 13.66 -2.91 -3.72
N TYR A 295 14.17 -2.95 -2.48
CA TYR A 295 14.92 -1.82 -1.97
C TYR A 295 16.38 -2.03 -1.58
N LEU A 296 17.05 -3.00 -2.19
CA LEU A 296 18.45 -3.25 -1.88
C LEU A 296 19.36 -2.13 -2.38
N SER A 297 18.87 -1.34 -3.33
CA SER A 297 19.64 -0.24 -3.88
C SER A 297 19.10 1.09 -3.39
N THR A 298 18.76 1.14 -2.10
CA THR A 298 18.25 2.35 -1.48
C THR A 298 18.96 2.52 -0.13
N PRO A 299 18.90 3.72 0.46
CA PRO A 299 19.56 3.98 1.73
C PRO A 299 19.19 3.01 2.84
N LEU A 300 18.01 2.41 2.76
CA LEU A 300 17.56 1.47 3.79
C LEU A 300 18.49 0.27 3.95
N TYR A 301 18.86 -0.35 2.83
CA TYR A 301 19.72 -1.54 2.88
C TYR A 301 21.04 -1.44 2.14
N ALA A 302 21.32 -0.27 1.54
CA ALA A 302 22.57 -0.08 0.81
C ALA A 302 23.75 0.15 1.75
#